data_3VFP
#
_entry.id   3VFP
#
_cell.length_a   50.993
_cell.length_b   81.505
_cell.length_c   110.899
_cell.angle_alpha   90.000
_cell.angle_beta   90.000
_cell.angle_gamma   90.000
#
_symmetry.space_group_name_H-M   'P 21 21 21'
#
loop_
_entity.id
_entity.type
_entity.pdbx_description
1 polymer 'MHC class I antigen'
2 polymer Beta-2-microglobulin
3 polymer 'LPEP peptide from EBV, LPEPLPQGQLTAY'
4 non-polymer 'ACETATE ION'
5 water water
#
loop_
_entity_poly.entity_id
_entity_poly.type
_entity_poly.pdbx_seq_one_letter_code
_entity_poly.pdbx_strand_id
1 'polypeptide(L)'
;GSHSMRYFYTAMSRPGRGEPRFIAVGYVDDTQFVRFDSDAASPRTEPRAPWIEQEGPEYWDRNTQIFKTNTQTYRESLRN
LRGYYNQSEAGSHIIQRMYGCDLGPDGRLLRGHDQSAYDGKDYIALNEDLSSWTAADTAAQITQRKWEAARVAEQRRGYL
EGLCVEWLRRYLENGKETLQRADPPKTHVTHHPVSDHEATLRCWALGFYPAEITLTWQRDGEDQTQDTELVETRPAGDRT
FQKWAAVVVPSGEEQRYTCHVQHEGLPKPLTLRWEP
;
A
2 'polypeptide(L)'
;IQRTPKIQVYSRHPAENGKSNFLNCYVSGFHPSDIEVDLLKNGERIEKVEHSDLSFSKDWSFYLLYYTEFTPTEKDEYAC
RVNHVTLSQPKIVKWDRDM
;
B
3 'polypeptide(L)' LPEPLPQGQLTAY C
#
loop_
_chem_comp.id
_chem_comp.type
_chem_comp.name
_chem_comp.formula
ACT non-polymer 'ACETATE ION' 'C2 H3 O2 -1'
#
# COMPACT_ATOMS: atom_id res chain seq x y z
N GLY A 1 -4.09 19.27 -8.49
CA GLY A 1 -4.87 18.30 -7.74
C GLY A 1 -4.62 18.40 -6.25
N SER A 2 -5.25 17.49 -5.49
CA SER A 2 -4.98 17.37 -4.08
C SER A 2 -3.81 16.42 -3.90
N HIS A 3 -3.13 16.51 -2.78
CA HIS A 3 -1.95 15.69 -2.55
C HIS A 3 -1.80 15.40 -1.06
N SER A 4 -1.06 14.32 -0.76
CA SER A 4 -0.84 13.97 0.64
C SER A 4 0.53 13.36 0.79
N MET A 5 1.04 13.38 2.01
CA MET A 5 2.26 12.68 2.37
C MET A 5 1.94 11.77 3.55
N ARG A 6 2.45 10.55 3.53
CA ARG A 6 2.25 9.62 4.63
C ARG A 6 3.53 8.88 4.92
N TYR A 7 3.80 8.67 6.19
CA TYR A 7 4.85 7.74 6.58
C TYR A 7 4.17 6.54 7.21
N PHE A 8 4.71 5.36 6.95
CA PHE A 8 4.18 4.13 7.54
C PHE A 8 5.26 3.44 8.36
N TYR A 9 5.03 3.33 9.66
CA TYR A 9 5.95 2.65 10.57
C TYR A 9 5.41 1.26 10.94
N THR A 10 6.26 0.24 10.87
CA THR A 10 5.87 -1.07 11.37
C THR A 10 6.92 -1.58 12.35
N ALA A 11 6.53 -1.88 13.59
CA ALA A 11 7.45 -2.52 14.55
C ALA A 11 6.95 -3.92 14.93
N MET A 12 7.79 -4.92 14.70
CA MET A 12 7.43 -6.33 14.88
C MET A 12 8.36 -7.03 15.87
N SER A 13 7.82 -7.51 16.99
CA SER A 13 8.61 -8.33 17.91
C SER A 13 8.77 -9.76 17.36
N ARG A 14 9.76 -10.46 17.87
CA ARG A 14 10.06 -11.82 17.43
C ARG A 14 10.86 -12.51 18.53
N PRO A 15 10.19 -12.89 19.61
CA PRO A 15 10.88 -13.47 20.76
C PRO A 15 11.74 -14.64 20.34
N GLY A 16 13.00 -14.64 20.78
CA GLY A 16 13.94 -15.70 20.45
C GLY A 16 14.68 -15.47 19.16
N ARG A 17 14.32 -14.41 18.44
CA ARG A 17 14.97 -14.11 17.16
C ARG A 17 15.50 -12.68 17.08
N GLY A 18 16.06 -12.20 18.18
CA GLY A 18 16.61 -10.85 18.21
C GLY A 18 15.59 -9.80 18.62
N GLU A 19 16.01 -8.55 18.55
CA GLU A 19 15.17 -7.43 18.95
C GLU A 19 14.15 -7.10 17.87
N PRO A 20 13.05 -6.44 18.23
CA PRO A 20 12.04 -6.07 17.24
C PRO A 20 12.57 -5.30 16.03
N ARG A 21 12.13 -5.70 14.84
CA ARG A 21 12.44 -5.00 13.60
C ARG A 21 11.59 -3.76 13.50
N PHE A 22 12.20 -2.68 13.02
CA PHE A 22 11.48 -1.46 12.73
C PHE A 22 11.70 -1.05 11.28
N ILE A 23 10.60 -0.84 10.57
N ILE A 23 10.62 -0.85 10.55
CA ILE A 23 10.64 -0.35 9.20
CA ILE A 23 10.72 -0.35 9.17
C ILE A 23 9.84 0.93 9.11
C ILE A 23 9.80 0.83 8.96
N ALA A 24 10.30 1.83 8.25
CA ALA A 24 9.53 3.04 7.95
C ALA A 24 9.60 3.22 6.47
N VAL A 25 8.47 3.53 5.84
CA VAL A 25 8.49 3.95 4.45
C VAL A 25 7.70 5.25 4.35
N GLY A 26 8.10 6.12 3.43
CA GLY A 26 7.46 7.41 3.22
C GLY A 26 6.91 7.51 1.81
N TYR A 27 5.72 8.10 1.69
CA TYR A 27 5.05 8.23 0.39
C TYR A 27 4.58 9.67 0.18
N VAL A 28 4.62 10.10 -1.07
CA VAL A 28 3.82 11.23 -1.55
C VAL A 28 2.80 10.64 -2.49
N ASP A 29 1.51 10.77 -2.15
CA ASP A 29 0.44 10.11 -2.90
C ASP A 29 0.71 8.60 -3.06
N ASP A 30 0.74 8.09 -4.29
CA ASP A 30 1.02 6.66 -4.51
C ASP A 30 2.47 6.37 -4.92
N THR A 31 3.37 7.30 -4.62
CA THR A 31 4.79 7.15 -4.92
C THR A 31 5.60 7.02 -3.63
N GLN A 32 6.21 5.86 -3.40
CA GLN A 32 7.16 5.75 -2.28
C GLN A 32 8.44 6.53 -2.60
N PHE A 33 9.03 7.20 -1.61
CA PHE A 33 10.26 7.96 -1.86
C PHE A 33 11.41 7.72 -0.87
N VAL A 34 11.13 7.08 0.27
CA VAL A 34 12.20 6.70 1.20
C VAL A 34 11.88 5.40 1.91
N ARG A 35 12.93 4.75 2.41
CA ARG A 35 12.78 3.64 3.34
C ARG A 35 13.89 3.68 4.40
N PHE A 36 13.60 3.04 5.53
CA PHE A 36 14.59 2.72 6.57
C PHE A 36 14.24 1.34 7.11
N ASP A 37 15.24 0.48 7.31
CA ASP A 37 14.99 -0.87 7.82
C ASP A 37 16.04 -1.20 8.85
N SER A 38 15.63 -1.43 10.10
CA SER A 38 16.61 -1.72 11.15
C SER A 38 17.30 -3.05 10.92
N ASP A 39 16.74 -3.87 10.04
CA ASP A 39 17.36 -5.17 9.72
C ASP A 39 18.37 -5.09 8.59
N ALA A 40 18.56 -3.90 8.01
CA ALA A 40 19.51 -3.77 6.91
C ALA A 40 20.92 -3.98 7.44
N ALA A 41 21.82 -4.44 6.58
CA ALA A 41 23.18 -4.74 6.99
C ALA A 41 23.77 -3.52 7.69
N SER A 42 23.50 -2.36 7.09
CA SER A 42 23.88 -1.06 7.65
C SER A 42 22.66 -0.14 7.61
N PRO A 43 21.89 -0.08 8.72
CA PRO A 43 20.63 0.68 8.68
C PRO A 43 20.82 2.16 8.39
N ARG A 44 20.20 2.64 7.32
CA ARG A 44 20.21 4.06 6.99
C ARG A 44 18.98 4.37 6.14
N THR A 45 18.57 5.63 6.15
CA THR A 45 17.50 6.08 5.25
C THR A 45 18.01 6.05 3.80
N GLU A 46 17.25 5.41 2.93
CA GLU A 46 17.62 5.25 1.54
C GLU A 46 16.56 5.87 0.63
N PRO A 47 16.99 6.52 -0.47
CA PRO A 47 16.05 7.11 -1.43
C PRO A 47 15.33 6.03 -2.23
N ARG A 48 14.08 6.28 -2.59
CA ARG A 48 13.31 5.31 -3.36
C ARG A 48 12.61 5.95 -4.56
N ALA A 49 12.86 7.24 -4.76
CA ALA A 49 12.42 7.96 -5.95
C ALA A 49 13.48 8.96 -6.41
N PRO A 50 13.61 9.17 -7.73
CA PRO A 50 14.74 9.96 -8.24
C PRO A 50 14.73 11.41 -7.73
N TRP A 51 13.55 12.02 -7.58
CA TRP A 51 13.46 13.42 -7.18
C TRP A 51 13.86 13.72 -5.73
N ILE A 52 14.06 12.68 -4.92
CA ILE A 52 14.54 12.87 -3.57
C ILE A 52 16.08 12.78 -3.47
N GLU A 53 16.72 12.28 -4.52
CA GLU A 53 18.16 12.05 -4.43
C GLU A 53 18.96 13.34 -4.29
N GLN A 54 18.36 14.45 -4.70
CA GLN A 54 19.02 15.74 -4.64
C GLN A 54 19.16 16.30 -3.21
N GLU A 55 18.44 15.74 -2.24
CA GLU A 55 18.58 16.17 -0.86
C GLU A 55 20.00 15.92 -0.34
N GLY A 56 20.52 16.85 0.46
CA GLY A 56 21.90 16.77 0.92
C GLY A 56 22.11 15.77 2.04
N PRO A 57 23.39 15.50 2.39
CA PRO A 57 23.77 14.59 3.47
C PRO A 57 23.11 14.96 4.80
N GLU A 58 22.93 16.25 5.03
CA GLU A 58 22.30 16.72 6.25
C GLU A 58 20.89 16.14 6.40
N TYR A 59 20.13 16.13 5.31
CA TYR A 59 18.79 15.53 5.26
C TYR A 59 18.80 14.03 5.56
N TRP A 60 19.69 13.29 4.90
CA TRP A 60 19.76 11.85 5.12
C TRP A 60 20.18 11.51 6.55
N ASP A 61 21.16 12.24 7.08
CA ASP A 61 21.58 12.01 8.46
C ASP A 61 20.47 12.36 9.46
N ARG A 62 19.71 13.40 9.19
CA ARG A 62 18.59 13.80 10.05
C ARG A 62 17.50 12.71 10.08
N ASN A 63 17.15 12.18 8.91
CA ASN A 63 16.20 11.06 8.81
C ASN A 63 16.69 9.83 9.57
N THR A 64 17.92 9.46 9.31
CA THR A 64 18.49 8.26 9.94
C THR A 64 18.47 8.35 11.48
N GLN A 65 18.80 9.52 12.02
CA GLN A 65 18.73 9.72 13.47
C GLN A 65 17.28 9.55 13.96
N ILE A 66 16.34 10.12 13.23
CA ILE A 66 14.93 10.01 13.61
C ILE A 66 14.50 8.53 13.64
N PHE A 67 14.87 7.78 12.60
CA PHE A 67 14.47 6.38 12.51
C PHE A 67 15.22 5.45 13.48
N LYS A 68 16.49 5.76 13.73
CA LYS A 68 17.28 5.01 14.72
C LYS A 68 16.71 5.17 16.13
N THR A 69 16.37 6.40 16.49
CA THR A 69 15.79 6.66 17.81
C THR A 69 14.40 6.04 17.94
N ASN A 70 13.60 6.16 16.88
CA ASN A 70 12.31 5.50 16.87
C ASN A 70 12.41 3.98 16.99
N THR A 71 13.42 3.41 16.35
CA THR A 71 13.64 1.97 16.45
C THR A 71 13.74 1.56 17.92
N GLN A 72 14.52 2.32 18.69
CA GLN A 72 14.70 1.99 20.10
C GLN A 72 13.44 2.25 20.91
N THR A 73 12.72 3.32 20.61
CA THR A 73 11.51 3.64 21.37
C THR A 73 10.38 2.64 21.10
N TYR A 74 10.30 2.13 19.86
CA TYR A 74 9.22 1.18 19.54
C TYR A 74 9.45 -0.17 20.19
N ARG A 75 10.69 -0.47 20.53
CA ARG A 75 10.99 -1.69 21.26
C ARG A 75 10.51 -1.56 22.69
N GLU A 76 10.72 -0.39 23.28
CA GLU A 76 10.13 -0.06 24.57
C GLU A 76 8.59 -0.14 24.50
N SER A 77 8.01 0.42 23.45
CA SER A 77 6.55 0.41 23.29
C SER A 77 5.96 -0.98 23.15
N LEU A 78 6.63 -1.85 22.39
CA LEU A 78 6.19 -3.24 22.27
C LEU A 78 6.19 -3.92 23.64
N ARG A 79 7.23 -3.68 24.43
CA ARG A 79 7.27 -4.23 25.79
C ARG A 79 6.11 -3.70 26.61
N ASN A 80 5.81 -2.41 26.45
CA ASN A 80 4.74 -1.80 27.23
C ASN A 80 3.37 -2.36 26.84
N LEU A 81 3.11 -2.51 25.54
CA LEU A 81 1.81 -3.05 25.12
C LEU A 81 1.65 -4.51 25.50
N ARG A 82 2.73 -5.28 25.43
CA ARG A 82 2.68 -6.66 25.92
C ARG A 82 2.08 -6.67 27.33
N GLY A 83 2.60 -5.80 28.19
CA GLY A 83 2.11 -5.72 29.56
C GLY A 83 0.69 -5.18 29.71
N TYR A 84 0.33 -4.19 28.90
CA TYR A 84 -1.02 -3.61 29.01
C TYR A 84 -2.10 -4.66 28.70
N TYR A 85 -1.73 -5.66 27.90
CA TYR A 85 -2.69 -6.70 27.54
C TYR A 85 -2.44 -8.02 28.29
N ASN A 86 -1.55 -7.97 29.27
CA ASN A 86 -1.17 -9.14 30.06
C ASN A 86 -0.73 -10.32 29.20
N GLN A 87 0.04 -10.03 28.17
CA GLN A 87 0.45 -11.06 27.21
C GLN A 87 1.73 -11.78 27.60
N SER A 88 1.88 -13.02 27.17
CA SER A 88 3.07 -13.78 27.51
C SER A 88 4.26 -13.26 26.71
N GLU A 89 5.47 -13.65 27.12
CA GLU A 89 6.67 -13.20 26.46
C GLU A 89 6.93 -14.02 25.21
N ALA A 90 6.10 -15.02 24.98
CA ALA A 90 6.29 -15.96 23.87
C ALA A 90 5.87 -15.44 22.49
N GLY A 91 4.89 -14.55 22.44
CA GLY A 91 4.27 -14.21 21.17
C GLY A 91 4.93 -13.07 20.41
N SER A 92 4.78 -13.08 19.08
CA SER A 92 5.18 -11.93 18.25
C SER A 92 4.01 -10.98 18.14
N HIS A 93 4.31 -9.67 18.22
CA HIS A 93 3.28 -8.65 18.14
C HIS A 93 3.76 -7.51 17.25
N ILE A 94 2.81 -6.70 16.77
CA ILE A 94 3.09 -5.66 15.82
C ILE A 94 2.41 -4.34 16.23
N ILE A 95 3.17 -3.25 16.25
CA ILE A 95 2.60 -1.91 16.34
C ILE A 95 2.81 -1.26 14.98
N GLN A 96 1.76 -0.63 14.46
CA GLN A 96 1.85 0.14 13.23
C GLN A 96 1.45 1.59 13.51
N ARG A 97 2.12 2.51 12.82
CA ARG A 97 1.71 3.91 12.85
C ARG A 97 1.62 4.43 11.42
N MET A 98 0.60 5.22 11.13
CA MET A 98 0.57 5.92 9.86
C MET A 98 0.12 7.34 10.09
N TYR A 99 0.87 8.28 9.52
CA TYR A 99 0.65 9.70 9.79
C TYR A 99 1.06 10.55 8.61
N GLY A 100 0.45 11.73 8.51
CA GLY A 100 0.81 12.65 7.46
C GLY A 100 -0.22 13.74 7.30
N CYS A 101 -0.10 14.48 6.21
CA CYS A 101 -0.91 15.65 5.97
C CYS A 101 -1.52 15.58 4.59
N ASP A 102 -2.70 16.18 4.45
CA ASP A 102 -3.39 16.29 3.18
C ASP A 102 -3.45 17.76 2.79
N LEU A 103 -3.20 18.04 1.52
CA LEU A 103 -3.34 19.40 0.98
C LEU A 103 -4.50 19.42 0.01
N GLY A 104 -5.15 20.59 -0.11
CA GLY A 104 -6.13 20.77 -1.15
C GLY A 104 -5.47 21.24 -2.44
N PRO A 105 -6.27 21.44 -3.50
CA PRO A 105 -5.77 21.93 -4.79
C PRO A 105 -4.96 23.23 -4.68
N ASP A 106 -5.27 24.05 -3.68
CA ASP A 106 -4.58 25.32 -3.47
C ASP A 106 -3.28 25.18 -2.69
N GLY A 107 -2.94 23.95 -2.31
CA GLY A 107 -1.73 23.71 -1.54
C GLY A 107 -1.90 23.98 -0.06
N ARG A 108 -3.14 24.26 0.35
CA ARG A 108 -3.47 24.51 1.77
C ARG A 108 -3.69 23.20 2.53
N LEU A 109 -3.37 23.21 3.83
CA LEU A 109 -3.62 22.04 4.68
C LEU A 109 -5.11 21.75 4.80
N LEU A 110 -5.49 20.56 4.37
CA LEU A 110 -6.86 20.09 4.48
C LEU A 110 -7.06 19.49 5.86
N ARG A 111 -6.20 18.53 6.21
CA ARG A 111 -6.21 17.93 7.54
C ARG A 111 -4.96 17.07 7.77
N GLY A 112 -4.71 16.76 9.03
CA GLY A 112 -3.62 15.91 9.43
C GLY A 112 -4.15 14.56 9.88
N HIS A 113 -3.27 13.56 9.88
CA HIS A 113 -3.64 12.21 10.29
C HIS A 113 -2.52 11.65 11.15
N ASP A 114 -2.86 10.97 12.24
CA ASP A 114 -1.88 10.23 13.03
C ASP A 114 -2.55 9.08 13.78
N GLN A 115 -2.48 7.89 13.20
CA GLN A 115 -3.20 6.74 13.75
C GLN A 115 -2.24 5.61 14.06
N SER A 116 -2.55 4.85 15.10
N SER A 116 -2.54 4.86 15.11
CA SER A 116 -1.74 3.70 15.48
CA SER A 116 -1.73 3.69 15.46
C SER A 116 -2.58 2.46 15.73
C SER A 116 -2.58 2.46 15.73
N ALA A 117 -1.97 1.29 15.56
CA ALA A 117 -2.66 0.03 15.71
C ALA A 117 -1.76 -0.97 16.42
N TYR A 118 -2.39 -1.96 17.04
CA TYR A 118 -1.69 -3.06 17.71
C TYR A 118 -2.28 -4.37 17.21
N ASP A 119 -1.42 -5.24 16.70
CA ASP A 119 -1.85 -6.50 16.09
C ASP A 119 -3.02 -6.35 15.12
N GLY A 120 -2.98 -5.28 14.33
CA GLY A 120 -3.90 -5.08 13.22
C GLY A 120 -5.21 -4.41 13.59
N LYS A 121 -5.36 -4.03 14.85
CA LYS A 121 -6.60 -3.40 15.33
C LYS A 121 -6.31 -1.98 15.75
N ASP A 122 -7.22 -1.06 15.44
CA ASP A 122 -7.12 0.32 15.92
C ASP A 122 -6.65 0.32 17.38
N TYR A 123 -5.68 1.17 17.72
CA TYR A 123 -5.20 1.28 19.10
C TYR A 123 -5.43 2.70 19.68
N ILE A 124 -4.78 3.69 19.08
CA ILE A 124 -4.98 5.08 19.46
C ILE A 124 -4.84 5.98 18.25
N ALA A 125 -5.70 6.98 18.18
CA ALA A 125 -5.72 7.88 17.03
C ALA A 125 -5.83 9.33 17.51
N LEU A 126 -5.06 10.21 16.87
CA LEU A 126 -5.20 11.65 17.09
C LEU A 126 -6.43 12.14 16.32
N ASN A 127 -7.32 12.83 17.02
CA ASN A 127 -8.53 13.37 16.39
C ASN A 127 -8.24 14.47 15.38
N GLU A 128 -9.20 14.77 14.52
CA GLU A 128 -9.00 15.76 13.47
C GLU A 128 -8.57 17.12 14.03
N ASP A 129 -8.96 17.42 15.27
CA ASP A 129 -8.56 18.69 15.90
C ASP A 129 -7.06 18.76 16.19
N LEU A 130 -6.38 17.62 16.04
CA LEU A 130 -4.94 17.53 16.27
C LEU A 130 -4.61 17.92 17.70
N SER A 131 -5.56 17.67 18.61
CA SER A 131 -5.45 18.17 19.97
C SER A 131 -5.86 17.15 21.02
N SER A 132 -6.70 16.21 20.62
CA SER A 132 -7.23 15.21 21.55
C SER A 132 -7.08 13.83 20.93
N TRP A 133 -7.26 12.79 21.75
CA TRP A 133 -7.04 11.42 21.30
C TRP A 133 -8.31 10.58 21.40
N THR A 134 -8.39 9.52 20.58
CA THR A 134 -9.40 8.48 20.74
C THR A 134 -8.71 7.15 20.98
N ALA A 135 -8.93 6.57 22.16
CA ALA A 135 -8.30 5.29 22.54
C ALA A 135 -9.28 4.14 22.37
N ALA A 136 -8.83 3.04 21.78
CA ALA A 136 -9.73 1.94 21.43
C ALA A 136 -10.22 1.10 22.62
N ASP A 137 -9.43 1.07 23.69
CA ASP A 137 -9.70 0.17 24.81
C ASP A 137 -8.95 0.63 26.05
N THR A 138 -9.08 -0.08 27.18
CA THR A 138 -8.47 0.39 28.42
C THR A 138 -6.96 0.35 28.42
N ALA A 139 -6.40 -0.47 27.53
CA ALA A 139 -4.96 -0.48 27.31
C ALA A 139 -4.52 0.82 26.62
N ALA A 140 -5.18 1.19 25.53
CA ALA A 140 -4.80 2.40 24.81
C ALA A 140 -4.99 3.63 25.69
N GLN A 141 -5.87 3.52 26.68
CA GLN A 141 -6.10 4.63 27.61
C GLN A 141 -4.85 4.92 28.43
N ILE A 142 -4.07 3.87 28.74
CA ILE A 142 -2.83 4.08 29.49
C ILE A 142 -1.90 4.93 28.63
N THR A 143 -1.81 4.58 27.35
CA THR A 143 -1.04 5.37 26.40
C THR A 143 -1.61 6.80 26.28
N GLN A 144 -2.94 6.91 26.19
CA GLN A 144 -3.56 8.24 26.10
C GLN A 144 -3.13 9.14 27.25
N ARG A 145 -3.26 8.62 28.47
CA ARG A 145 -2.89 9.40 29.66
C ARG A 145 -1.42 9.79 29.69
N LYS A 146 -0.56 8.87 29.30
CA LYS A 146 0.87 9.15 29.25
C LYS A 146 1.16 10.19 28.17
N TRP A 147 0.42 10.15 27.06
CA TRP A 147 0.65 11.13 26.00
C TRP A 147 0.02 12.48 26.35
N GLU A 148 -1.08 12.45 27.11
CA GLU A 148 -1.67 13.71 27.59
C GLU A 148 -0.71 14.38 28.57
N ALA A 149 -0.18 13.60 29.50
CA ALA A 149 0.76 14.10 30.50
C ALA A 149 2.00 14.71 29.87
N ALA A 150 2.50 14.10 28.79
CA ALA A 150 3.71 14.57 28.13
C ALA A 150 3.44 15.60 27.00
N ARG A 151 2.18 16.00 26.85
CA ARG A 151 1.82 16.99 25.82
C ARG A 151 2.23 16.58 24.40
N VAL A 152 2.12 15.29 24.10
CA VAL A 152 2.48 14.72 22.81
C VAL A 152 1.65 15.29 21.65
N ALA A 153 0.37 15.54 21.88
CA ALA A 153 -0.50 16.03 20.81
C ALA A 153 -0.01 17.35 20.23
N GLU A 154 0.51 18.23 21.08
CA GLU A 154 1.07 19.49 20.60
C GLU A 154 2.30 19.29 19.70
N GLN A 155 3.07 18.23 19.97
CA GLN A 155 4.20 17.89 19.11
C GLN A 155 3.73 17.41 17.75
N ARG A 156 2.72 16.54 17.74
CA ARG A 156 2.22 16.00 16.49
C ARG A 156 1.58 17.13 15.69
N ARG A 157 0.80 17.98 16.35
CA ARG A 157 0.13 19.06 15.65
C ARG A 157 1.12 20.02 15.00
N GLY A 158 2.19 20.33 15.73
CA GLY A 158 3.20 21.28 15.28
C GLY A 158 3.90 20.79 14.03
N TYR A 159 4.21 19.50 14.02
CA TYR A 159 4.74 18.86 12.83
C TYR A 159 3.73 18.84 11.67
N LEU A 160 2.51 18.40 11.94
CA LEU A 160 1.55 18.21 10.86
C LEU A 160 1.15 19.51 10.15
N GLU A 161 1.05 20.60 10.91
CA GLU A 161 0.70 21.89 10.32
C GLU A 161 1.94 22.63 9.82
N GLY A 162 3.11 22.15 10.21
CA GLY A 162 4.35 22.86 9.92
C GLY A 162 5.26 22.13 8.93
N LEU A 163 6.27 21.44 9.46
CA LEU A 163 7.23 20.71 8.62
C LEU A 163 6.58 19.75 7.61
N CYS A 164 5.50 19.08 8.00
CA CYS A 164 4.85 18.14 7.08
C CYS A 164 4.42 18.84 5.78
N VAL A 165 3.68 19.92 5.92
N VAL A 165 3.64 19.90 5.89
CA VAL A 165 3.21 20.67 4.77
CA VAL A 165 3.14 20.57 4.68
C VAL A 165 4.36 21.31 3.98
C VAL A 165 4.25 21.27 3.89
N GLU A 166 5.30 21.91 4.70
N GLU A 166 5.23 21.82 4.60
CA GLU A 166 6.43 22.56 4.04
CA GLU A 166 6.35 22.52 3.99
C GLU A 166 7.18 21.58 3.14
C GLU A 166 7.23 21.61 3.15
N TRP A 167 7.51 20.42 3.67
CA TRP A 167 8.29 19.42 2.90
C TRP A 167 7.48 18.75 1.80
N LEU A 168 6.20 18.48 2.06
CA LEU A 168 5.34 17.96 1.01
C LEU A 168 5.32 18.92 -0.19
N ARG A 169 5.16 20.21 0.09
CA ARG A 169 5.22 21.21 -0.99
C ARG A 169 6.54 21.18 -1.71
N ARG A 170 7.64 21.08 -0.97
CA ARG A 170 8.97 20.96 -1.57
C ARG A 170 9.08 19.75 -2.50
N TYR A 171 8.62 18.59 -2.04
CA TYR A 171 8.66 17.39 -2.87
C TYR A 171 7.79 17.56 -4.11
N LEU A 172 6.59 18.11 -3.93
CA LEU A 172 5.68 18.30 -5.06
C LEU A 172 6.33 19.10 -6.18
N GLU A 173 7.08 20.13 -5.81
CA GLU A 173 7.78 20.96 -6.80
C GLU A 173 8.97 20.21 -7.42
N ASN A 174 9.79 19.56 -6.61
CA ASN A 174 10.95 18.85 -7.15
C ASN A 174 10.58 17.69 -8.07
N GLY A 175 9.46 17.02 -7.78
CA GLY A 175 9.05 15.88 -8.58
C GLY A 175 7.81 16.20 -9.40
N LYS A 176 7.63 17.47 -9.76
CA LYS A 176 6.41 17.90 -10.42
C LYS A 176 6.12 17.19 -11.74
N GLU A 177 7.17 16.82 -12.46
CA GLU A 177 6.97 16.12 -13.73
C GLU A 177 6.26 14.77 -13.58
N THR A 178 6.36 14.16 -12.39
CA THR A 178 5.69 12.89 -12.11
C THR A 178 4.60 13.00 -11.05
N LEU A 179 4.91 13.67 -9.93
CA LEU A 179 3.96 13.75 -8.82
C LEU A 179 2.70 14.52 -9.18
N GLN A 180 2.86 15.48 -10.08
CA GLN A 180 1.74 16.34 -10.46
C GLN A 180 1.23 16.00 -11.85
N ARG A 181 1.61 14.82 -12.34
CA ARG A 181 1.17 14.30 -13.63
C ARG A 181 0.22 13.12 -13.42
N ALA A 182 -1.03 13.26 -13.87
CA ALA A 182 -1.95 12.13 -13.86
C ALA A 182 -1.93 11.43 -15.22
N ASP A 183 -1.68 10.12 -15.20
CA ASP A 183 -1.68 9.35 -16.44
C ASP A 183 -2.99 8.59 -16.52
N PRO A 184 -3.73 8.78 -17.62
CA PRO A 184 -5.07 8.20 -17.74
C PRO A 184 -4.97 6.71 -18.06
N PRO A 185 -6.01 5.95 -17.71
CA PRO A 185 -5.99 4.52 -18.03
C PRO A 185 -6.09 4.26 -19.52
N LYS A 186 -5.32 3.28 -20.00
CA LYS A 186 -5.57 2.71 -21.31
C LYS A 186 -6.64 1.62 -21.11
N THR A 187 -7.74 1.70 -21.84
CA THR A 187 -8.85 0.80 -21.59
C THR A 187 -9.23 -0.09 -22.78
N HIS A 188 -9.81 -1.24 -22.46
CA HIS A 188 -10.42 -2.10 -23.48
C HIS A 188 -11.35 -3.13 -22.85
N VAL A 189 -12.20 -3.71 -23.68
CA VAL A 189 -13.19 -4.68 -23.22
C VAL A 189 -12.97 -6.03 -23.91
N THR A 190 -12.87 -7.09 -23.13
CA THR A 190 -12.71 -8.44 -23.69
C THR A 190 -13.98 -9.24 -23.51
N HIS A 191 -14.14 -10.27 -24.34
CA HIS A 191 -15.35 -11.08 -24.36
C HIS A 191 -14.97 -12.55 -24.42
N HIS A 192 -15.53 -13.33 -23.51
CA HIS A 192 -15.22 -14.75 -23.41
C HIS A 192 -16.44 -15.57 -23.01
N PRO A 193 -16.89 -16.44 -23.93
CA PRO A 193 -18.03 -17.33 -23.64
C PRO A 193 -17.75 -18.20 -22.41
N VAL A 194 -18.73 -18.36 -21.53
CA VAL A 194 -18.58 -19.23 -20.38
C VAL A 194 -19.45 -20.47 -20.58
N SER A 195 -20.39 -20.38 -21.50
CA SER A 195 -21.26 -21.49 -21.88
C SER A 195 -22.00 -21.07 -23.15
N ASP A 196 -22.96 -21.91 -23.58
CA ASP A 196 -23.78 -21.55 -24.73
C ASP A 196 -24.74 -20.40 -24.39
N HIS A 197 -24.98 -20.20 -23.09
CA HIS A 197 -25.98 -19.25 -22.60
C HIS A 197 -25.39 -17.89 -22.24
N GLU A 198 -24.15 -17.90 -21.76
CA GLU A 198 -23.57 -16.74 -21.11
C GLU A 198 -22.17 -16.43 -21.62
N ALA A 199 -21.71 -15.22 -21.36
CA ALA A 199 -20.37 -14.80 -21.71
C ALA A 199 -19.82 -13.81 -20.70
N THR A 200 -18.51 -13.81 -20.51
CA THR A 200 -17.83 -12.83 -19.65
C THR A 200 -17.41 -11.58 -20.43
N LEU A 201 -17.83 -10.42 -19.95
CA LEU A 201 -17.32 -9.14 -20.43
C LEU A 201 -16.37 -8.61 -19.35
N ARG A 202 -15.13 -8.32 -19.72
CA ARG A 202 -14.17 -7.79 -18.75
C ARG A 202 -13.67 -6.43 -19.19
N CYS A 203 -13.82 -5.45 -18.32
CA CYS A 203 -13.37 -4.09 -18.63
C CYS A 203 -12.00 -3.85 -17.99
N TRP A 204 -11.04 -3.45 -18.82
CA TRP A 204 -9.66 -3.28 -18.39
C TRP A 204 -9.22 -1.82 -18.34
N ALA A 205 -8.50 -1.47 -17.27
CA ALA A 205 -7.83 -0.18 -17.12
C ALA A 205 -6.36 -0.43 -16.81
N LEU A 206 -5.47 0.05 -17.70
CA LEU A 206 -4.04 -0.18 -17.53
C LEU A 206 -3.21 1.11 -17.60
N GLY A 207 -2.08 1.11 -16.91
CA GLY A 207 -1.10 2.18 -17.04
C GLY A 207 -1.49 3.53 -16.44
N PHE A 208 -2.42 3.53 -15.48
CA PHE A 208 -2.88 4.79 -14.90
C PHE A 208 -2.13 5.19 -13.62
N TYR A 209 -2.04 6.50 -13.38
CA TYR A 209 -1.52 7.05 -12.13
C TYR A 209 -2.31 8.32 -11.82
N PRO A 210 -2.72 8.52 -10.57
CA PRO A 210 -2.56 7.71 -9.35
C PRO A 210 -3.52 6.51 -9.33
N ALA A 211 -3.48 5.73 -8.24
CA ALA A 211 -4.23 4.48 -8.14
C ALA A 211 -5.75 4.67 -8.11
N GLU A 212 -6.19 5.76 -7.50
CA GLU A 212 -7.61 6.11 -7.43
C GLU A 212 -8.27 6.03 -8.81
N ILE A 213 -9.28 5.17 -8.92
CA ILE A 213 -10.01 5.01 -10.17
C ILE A 213 -11.38 4.40 -9.87
N THR A 214 -12.35 4.66 -10.75
CA THR A 214 -13.67 4.04 -10.65
C THR A 214 -14.00 3.28 -11.94
N LEU A 215 -14.23 1.98 -11.81
CA LEU A 215 -14.61 1.12 -12.92
C LEU A 215 -15.94 0.46 -12.55
N THR A 216 -16.97 0.64 -13.38
CA THR A 216 -18.27 0.06 -13.08
C THR A 216 -18.95 -0.49 -14.34
N TRP A 217 -19.72 -1.57 -14.19
CA TRP A 217 -20.56 -2.01 -15.30
C TRP A 217 -22.01 -1.54 -15.09
N GLN A 218 -22.64 -1.13 -16.17
CA GLN A 218 -24.08 -0.87 -16.16
C GLN A 218 -24.80 -1.73 -17.18
N ARG A 219 -26.01 -2.17 -16.81
N ARG A 219 -25.99 -2.21 -16.80
CA ARG A 219 -26.92 -2.85 -17.72
CA ARG A 219 -26.89 -2.83 -17.76
C ARG A 219 -28.12 -1.94 -17.96
C ARG A 219 -28.09 -1.93 -17.97
N ASP A 220 -28.37 -1.61 -19.22
CA ASP A 220 -29.47 -0.72 -19.57
C ASP A 220 -29.39 0.58 -18.75
N GLY A 221 -28.17 0.97 -18.37
CA GLY A 221 -27.97 2.21 -17.64
C GLY A 221 -28.07 2.08 -16.13
N GLU A 222 -28.33 0.87 -15.65
CA GLU A 222 -28.40 0.58 -14.20
C GLU A 222 -27.11 -0.08 -13.74
N ASP A 223 -26.57 0.38 -12.61
CA ASP A 223 -25.34 -0.18 -12.05
C ASP A 223 -25.53 -1.64 -11.66
N GLN A 224 -24.53 -2.47 -11.98
CA GLN A 224 -24.59 -3.89 -11.67
C GLN A 224 -23.64 -4.25 -10.54
N THR A 225 -23.66 -3.43 -9.48
CA THR A 225 -22.76 -3.59 -8.35
C THR A 225 -22.62 -5.03 -7.88
N GLN A 226 -23.73 -5.67 -7.53
CA GLN A 226 -23.69 -7.00 -6.95
C GLN A 226 -23.20 -8.08 -7.92
N ASP A 227 -23.45 -7.89 -9.22
CA ASP A 227 -23.11 -8.93 -10.19
C ASP A 227 -21.76 -8.68 -10.85
N THR A 228 -21.11 -7.59 -10.47
CA THR A 228 -19.79 -7.25 -11.01
C THR A 228 -18.66 -7.82 -10.18
N GLU A 229 -17.71 -8.46 -10.85
CA GLU A 229 -16.49 -8.97 -10.21
C GLU A 229 -15.38 -7.92 -10.36
N LEU A 230 -14.87 -7.45 -9.22
CA LEU A 230 -14.02 -6.26 -9.18
C LEU A 230 -12.70 -6.56 -8.48
N VAL A 231 -11.62 -6.74 -9.23
CA VAL A 231 -10.33 -7.03 -8.56
C VAL A 231 -9.74 -5.77 -7.93
N GLU A 232 -8.93 -5.99 -6.89
CA GLU A 232 -8.25 -4.90 -6.22
C GLU A 232 -7.27 -4.22 -7.17
N THR A 233 -7.20 -2.89 -7.10
CA THR A 233 -6.23 -2.15 -7.89
C THR A 233 -4.82 -2.62 -7.53
N ARG A 234 -4.00 -2.81 -8.56
CA ARG A 234 -2.71 -3.49 -8.41
C ARG A 234 -1.59 -2.75 -9.14
N PRO A 235 -0.40 -2.69 -8.52
CA PRO A 235 0.76 -1.99 -9.09
C PRO A 235 1.40 -2.75 -10.25
N ALA A 236 1.75 -2.05 -11.32
CA ALA A 236 2.39 -2.69 -12.48
C ALA A 236 3.89 -2.86 -12.25
N GLY A 237 4.46 -1.97 -11.44
CA GLY A 237 5.89 -1.97 -11.16
C GLY A 237 6.64 -0.87 -11.86
N ASP A 238 5.94 -0.07 -12.66
CA ASP A 238 6.54 1.07 -13.36
C ASP A 238 5.97 2.40 -12.86
N ARG A 239 5.39 2.37 -11.67
CA ARG A 239 4.67 3.51 -11.05
C ARG A 239 3.17 3.46 -11.31
N THR A 240 2.76 2.78 -12.38
CA THR A 240 1.33 2.82 -12.77
C THR A 240 0.56 1.68 -12.13
N PHE A 241 -0.78 1.73 -12.25
CA PHE A 241 -1.63 0.70 -11.68
C PHE A 241 -2.53 0.06 -12.71
N GLN A 242 -3.15 -1.05 -12.33
CA GLN A 242 -4.06 -1.80 -13.18
C GLN A 242 -5.30 -2.19 -12.38
N LYS A 243 -6.41 -2.35 -13.09
CA LYS A 243 -7.65 -2.84 -12.51
C LYS A 243 -8.54 -3.41 -13.61
N TRP A 244 -9.36 -4.40 -13.26
CA TRP A 244 -10.45 -4.81 -14.15
C TRP A 244 -11.76 -5.12 -13.39
N ALA A 245 -12.87 -5.06 -14.13
CA ALA A 245 -14.18 -5.40 -13.61
C ALA A 245 -14.87 -6.33 -14.60
N ALA A 246 -15.50 -7.39 -14.12
CA ALA A 246 -16.06 -8.40 -15.00
C ALA A 246 -17.53 -8.67 -14.70
N VAL A 247 -18.29 -8.96 -15.74
CA VAL A 247 -19.69 -9.33 -15.54
C VAL A 247 -20.07 -10.43 -16.53
N VAL A 248 -20.88 -11.38 -16.06
CA VAL A 248 -21.34 -12.48 -16.89
C VAL A 248 -22.71 -12.13 -17.41
N VAL A 249 -22.87 -12.12 -18.72
CA VAL A 249 -24.10 -11.64 -19.31
C VAL A 249 -24.74 -12.69 -20.19
N PRO A 250 -26.09 -12.65 -20.33
CA PRO A 250 -26.75 -13.52 -21.29
C PRO A 250 -26.21 -13.31 -22.70
N SER A 251 -25.85 -14.38 -23.39
CA SER A 251 -25.34 -14.28 -24.75
C SER A 251 -26.37 -13.58 -25.62
N GLY A 252 -25.93 -12.60 -26.40
CA GLY A 252 -26.85 -11.76 -27.15
C GLY A 252 -27.24 -10.45 -26.49
N GLU A 253 -26.99 -10.29 -25.19
CA GLU A 253 -27.31 -9.03 -24.52
C GLU A 253 -26.09 -8.13 -24.31
N GLU A 254 -24.99 -8.46 -24.96
CA GLU A 254 -23.73 -7.76 -24.75
C GLU A 254 -23.81 -6.24 -24.90
N GLN A 255 -24.60 -5.78 -25.85
CA GLN A 255 -24.66 -4.36 -26.18
C GLN A 255 -25.50 -3.58 -25.21
N ARG A 256 -26.14 -4.30 -24.29
CA ARG A 256 -26.92 -3.66 -23.24
C ARG A 256 -26.04 -3.24 -22.06
N TYR A 257 -24.78 -3.70 -22.09
CA TYR A 257 -23.84 -3.45 -21.01
C TYR A 257 -22.79 -2.41 -21.39
N THR A 258 -22.58 -1.44 -20.50
CA THR A 258 -21.57 -0.42 -20.70
C THR A 258 -20.61 -0.34 -19.52
N CYS A 259 -19.33 -0.21 -19.81
CA CYS A 259 -18.32 0.01 -18.78
C CYS A 259 -18.04 1.50 -18.65
N HIS A 260 -18.04 1.98 -17.41
CA HIS A 260 -17.78 3.39 -17.14
C HIS A 260 -16.49 3.57 -16.35
N VAL A 261 -15.64 4.49 -16.81
CA VAL A 261 -14.35 4.70 -16.20
C VAL A 261 -14.18 6.15 -15.78
N GLN A 262 -13.96 6.37 -14.49
CA GLN A 262 -13.59 7.69 -13.99
C GLN A 262 -12.15 7.68 -13.49
N HIS A 263 -11.35 8.64 -13.97
CA HIS A 263 -9.97 8.80 -13.50
C HIS A 263 -9.53 10.25 -13.65
N GLU A 264 -8.67 10.69 -12.75
CA GLU A 264 -8.19 12.07 -12.72
C GLU A 264 -7.46 12.44 -14.01
N GLY A 265 -6.84 11.46 -14.65
CA GLY A 265 -6.13 11.69 -15.90
C GLY A 265 -7.05 11.83 -17.10
N LEU A 266 -8.33 11.51 -16.90
CA LEU A 266 -9.30 11.54 -18.00
C LEU A 266 -9.95 12.91 -18.13
N PRO A 267 -9.76 13.55 -19.29
CA PRO A 267 -10.39 14.83 -19.63
C PRO A 267 -11.90 14.68 -19.77
N LYS A 268 -12.34 13.44 -20.02
CA LYS A 268 -13.76 13.09 -20.03
C LYS A 268 -13.96 11.65 -19.59
N PRO A 269 -14.86 11.42 -18.61
CA PRO A 269 -15.27 10.08 -18.17
C PRO A 269 -15.61 9.18 -19.36
N LEU A 270 -15.15 7.94 -19.34
CA LEU A 270 -15.29 7.04 -20.49
C LEU A 270 -16.47 6.09 -20.35
N THR A 271 -17.12 5.83 -21.48
CA THR A 271 -18.11 4.76 -21.59
C THR A 271 -17.62 3.83 -22.70
N LEU A 272 -17.47 2.54 -22.40
CA LEU A 272 -17.03 1.56 -23.37
C LEU A 272 -18.05 0.44 -23.54
N ARG A 273 -18.10 -0.13 -24.73
CA ARG A 273 -18.88 -1.34 -24.96
C ARG A 273 -17.94 -2.37 -25.55
N TRP A 274 -18.36 -3.63 -25.55
CA TRP A 274 -17.61 -4.62 -26.30
C TRP A 274 -17.74 -4.34 -27.80
N GLU A 275 -16.61 -4.41 -28.49
CA GLU A 275 -16.56 -4.18 -29.93
C GLU A 275 -16.13 -5.47 -30.63
N PRO A 276 -17.11 -6.25 -31.11
CA PRO A 276 -16.86 -7.56 -31.72
C PRO A 276 -15.79 -7.51 -32.80
N ILE B 1 -5.96 -12.27 16.13
CA ILE B 1 -6.78 -12.14 14.91
C ILE B 1 -5.94 -11.91 13.66
N GLN B 2 -6.11 -12.78 12.68
CA GLN B 2 -5.24 -12.82 11.51
C GLN B 2 -6.02 -12.67 10.20
N ARG B 3 -5.34 -12.20 9.16
CA ARG B 3 -5.99 -12.03 7.85
C ARG B 3 -5.17 -12.71 6.77
N THR B 4 -5.84 -13.50 5.93
CA THR B 4 -5.14 -14.30 4.91
C THR B 4 -4.87 -13.46 3.67
N PRO B 5 -3.74 -13.72 2.99
CA PRO B 5 -3.43 -12.90 1.82
C PRO B 5 -4.35 -13.11 0.61
N LYS B 6 -4.72 -11.99 -0.02
CA LYS B 6 -5.18 -12.01 -1.39
C LYS B 6 -3.96 -12.10 -2.31
N ILE B 7 -4.13 -12.70 -3.48
CA ILE B 7 -3.02 -12.95 -4.40
C ILE B 7 -3.45 -12.63 -5.83
N GLN B 8 -2.66 -11.84 -6.55
CA GLN B 8 -2.86 -11.65 -7.98
C GLN B 8 -1.56 -11.90 -8.75
N VAL B 9 -1.64 -12.64 -9.85
CA VAL B 9 -0.48 -12.89 -10.70
C VAL B 9 -0.72 -12.31 -12.09
N TYR B 10 0.21 -11.48 -12.55
CA TYR B 10 -0.02 -10.71 -13.78
C TYR B 10 1.27 -10.15 -14.33
N SER B 11 1.21 -9.58 -15.54
CA SER B 11 2.41 -9.00 -16.15
C SER B 11 2.37 -7.47 -16.10
N ARG B 12 3.54 -6.85 -16.05
CA ARG B 12 3.64 -5.39 -16.02
C ARG B 12 3.04 -4.84 -17.29
N HIS B 13 3.39 -5.49 -18.42
CA HIS B 13 2.88 -5.09 -19.72
C HIS B 13 2.04 -6.22 -20.31
N PRO B 14 1.20 -5.89 -21.29
CA PRO B 14 0.44 -6.95 -21.96
C PRO B 14 1.40 -8.02 -22.50
N ALA B 15 1.10 -9.28 -22.23
CA ALA B 15 2.00 -10.38 -22.57
C ALA B 15 2.11 -10.56 -24.07
N GLU B 16 3.34 -10.65 -24.57
CA GLU B 16 3.60 -10.94 -25.98
C GLU B 16 4.71 -11.98 -26.10
N ASN B 17 4.35 -13.20 -26.51
CA ASN B 17 5.31 -14.29 -26.63
C ASN B 17 6.64 -13.87 -27.27
N GLY B 18 7.74 -14.20 -26.61
CA GLY B 18 9.05 -13.85 -27.10
C GLY B 18 9.50 -12.43 -26.82
N LYS B 19 8.66 -11.63 -26.16
CA LYS B 19 9.04 -10.27 -25.78
C LYS B 19 9.23 -10.15 -24.25
N SER B 20 10.37 -9.61 -23.83
CA SER B 20 10.69 -9.47 -22.40
C SER B 20 9.65 -8.60 -21.68
N ASN B 21 9.36 -8.98 -20.44
CA ASN B 21 8.27 -8.37 -19.65
C ASN B 21 8.63 -8.57 -18.18
N PHE B 22 7.71 -8.21 -17.28
CA PHE B 22 7.88 -8.55 -15.87
C PHE B 22 6.70 -9.38 -15.37
N LEU B 23 7.01 -10.44 -14.65
CA LEU B 23 6.00 -11.24 -13.97
C LEU B 23 5.85 -10.73 -12.54
N ASN B 24 4.61 -10.44 -12.15
CA ASN B 24 4.29 -9.85 -10.86
C ASN B 24 3.45 -10.78 -10.02
N CYS B 25 3.71 -10.79 -8.72
CA CYS B 25 2.79 -11.39 -7.78
C CYS B 25 2.52 -10.42 -6.65
N TYR B 26 1.28 -9.95 -6.57
CA TYR B 26 0.87 -8.95 -5.60
C TYR B 26 0.10 -9.64 -4.50
N VAL B 27 0.67 -9.63 -3.30
CA VAL B 27 0.01 -10.19 -2.14
C VAL B 27 -0.44 -9.04 -1.25
N SER B 28 -1.69 -9.08 -0.80
CA SER B 28 -2.22 -7.96 -0.03
C SER B 28 -3.27 -8.43 0.98
N GLY B 29 -3.74 -7.50 1.80
CA GLY B 29 -4.83 -7.76 2.73
C GLY B 29 -4.47 -8.71 3.85
N PHE B 30 -3.18 -8.97 4.05
CA PHE B 30 -2.79 -9.97 5.04
C PHE B 30 -2.28 -9.38 6.37
N HIS B 31 -2.36 -10.18 7.44
CA HIS B 31 -1.85 -9.81 8.76
C HIS B 31 -1.69 -11.09 9.58
N PRO B 32 -0.53 -11.26 10.26
CA PRO B 32 0.59 -10.34 10.40
C PRO B 32 1.49 -10.33 9.17
N SER B 33 2.67 -9.73 9.27
CA SER B 33 3.41 -9.34 8.07
C SER B 33 4.32 -10.41 7.47
N ASP B 34 4.72 -11.38 8.27
CA ASP B 34 5.55 -12.48 7.78
C ASP B 34 4.84 -13.25 6.68
N ILE B 35 5.53 -13.47 5.56
CA ILE B 35 4.91 -14.16 4.45
C ILE B 35 6.02 -14.72 3.56
N GLU B 36 5.75 -15.79 2.84
CA GLU B 36 6.73 -16.37 1.91
C GLU B 36 6.09 -16.43 0.54
N VAL B 37 6.77 -15.85 -0.43
CA VAL B 37 6.26 -15.81 -1.80
C VAL B 37 7.32 -16.31 -2.75
N ASP B 38 6.96 -17.31 -3.56
CA ASP B 38 7.83 -17.74 -4.65
C ASP B 38 7.12 -17.53 -5.97
N LEU B 39 7.91 -17.18 -7.00
CA LEU B 39 7.43 -17.19 -8.37
C LEU B 39 7.94 -18.48 -9.01
N LEU B 40 7.07 -19.18 -9.71
CA LEU B 40 7.44 -20.48 -10.30
C LEU B 40 7.44 -20.43 -11.83
N LYS B 41 8.45 -21.04 -12.43
CA LYS B 41 8.48 -21.27 -13.88
C LYS B 41 8.45 -22.77 -14.14
N ASN B 42 7.34 -23.26 -14.69
CA ASN B 42 7.19 -24.69 -14.90
C ASN B 42 7.37 -25.46 -13.60
N GLY B 43 6.82 -24.90 -12.52
CA GLY B 43 6.82 -25.57 -11.22
C GLY B 43 8.09 -25.39 -10.43
N GLU B 44 9.13 -24.86 -11.08
CA GLU B 44 10.43 -24.62 -10.45
C GLU B 44 10.50 -23.21 -9.90
N ARG B 45 11.08 -23.06 -8.71
CA ARG B 45 11.25 -21.73 -8.09
C ARG B 45 12.25 -20.88 -8.85
N ILE B 46 11.85 -19.65 -9.21
CA ILE B 46 12.74 -18.71 -9.88
C ILE B 46 13.67 -18.04 -8.86
N GLU B 47 14.96 -18.03 -9.13
CA GLU B 47 15.92 -17.60 -8.12
C GLU B 47 16.01 -16.10 -7.90
N LYS B 48 16.06 -15.33 -8.98
CA LYS B 48 16.26 -13.91 -8.78
C LYS B 48 14.92 -13.19 -8.77
N VAL B 49 14.35 -13.04 -7.58
CA VAL B 49 13.08 -12.33 -7.45
C VAL B 49 13.22 -11.20 -6.45
N GLU B 50 12.78 -10.02 -6.85
CA GLU B 50 12.86 -8.86 -5.99
C GLU B 50 11.48 -8.58 -5.41
N HIS B 51 11.42 -7.76 -4.38
CA HIS B 51 10.13 -7.36 -3.85
C HIS B 51 10.16 -5.92 -3.38
N SER B 52 8.98 -5.32 -3.31
CA SER B 52 8.79 -3.97 -2.77
C SER B 52 9.05 -3.90 -1.27
N ASP B 53 9.16 -2.68 -0.74
CA ASP B 53 9.30 -2.50 0.69
C ASP B 53 7.95 -2.69 1.38
N LEU B 54 8.00 -3.32 2.56
CA LEU B 54 6.81 -3.56 3.35
C LEU B 54 6.06 -2.28 3.67
N SER B 55 4.78 -2.25 3.31
CA SER B 55 3.93 -1.14 3.69
C SER B 55 2.54 -1.68 3.89
N PHE B 56 1.60 -0.81 4.24
CA PHE B 56 0.26 -1.28 4.57
C PHE B 56 -0.85 -0.32 4.17
N SER B 57 -2.07 -0.85 4.09
CA SER B 57 -3.23 -0.10 3.66
C SER B 57 -3.92 0.57 4.86
N LYS B 58 -4.94 1.39 4.58
CA LYS B 58 -5.61 2.13 5.64
C LYS B 58 -6.28 1.23 6.67
N ASP B 59 -6.57 -0.03 6.29
CA ASP B 59 -7.15 -0.98 7.26
C ASP B 59 -6.07 -1.78 7.98
N TRP B 60 -4.82 -1.32 7.85
CA TRP B 60 -3.66 -1.92 8.53
C TRP B 60 -3.12 -3.20 7.88
N SER B 61 -3.80 -3.71 6.86
CA SER B 61 -3.33 -4.95 6.26
C SER B 61 -2.12 -4.65 5.39
N PHE B 62 -1.23 -5.63 5.27
CA PHE B 62 0.04 -5.45 4.59
C PHE B 62 -0.07 -5.77 3.11
N TYR B 63 0.84 -5.19 2.32
CA TYR B 63 0.92 -5.54 0.92
C TYR B 63 2.36 -5.50 0.41
N LEU B 64 2.66 -6.40 -0.53
CA LEU B 64 3.98 -6.50 -1.15
C LEU B 64 3.83 -6.92 -2.60
N LEU B 65 4.67 -6.36 -3.46
CA LEU B 65 4.77 -6.82 -4.84
C LEU B 65 6.06 -7.61 -5.04
N TYR B 66 5.94 -8.85 -5.51
CA TYR B 66 7.11 -9.64 -5.89
C TYR B 66 7.17 -9.65 -7.42
N TYR B 67 8.38 -9.50 -7.98
CA TYR B 67 8.53 -9.39 -9.43
C TYR B 67 9.87 -9.92 -9.94
N THR B 68 9.91 -10.24 -11.22
CA THR B 68 11.12 -10.71 -11.87
C THR B 68 10.96 -10.58 -13.38
N GLU B 69 12.06 -10.33 -14.08
CA GLU B 69 11.99 -10.27 -15.54
C GLU B 69 11.66 -11.65 -16.10
N PHE B 70 10.82 -11.69 -17.14
CA PHE B 70 10.53 -12.95 -17.82
C PHE B 70 10.14 -12.72 -19.28
N THR B 71 10.32 -13.73 -20.11
CA THR B 71 9.90 -13.67 -21.49
C THR B 71 8.90 -14.79 -21.73
N PRO B 72 7.60 -14.44 -21.78
CA PRO B 72 6.57 -15.47 -21.88
C PRO B 72 6.60 -16.18 -23.23
N THR B 73 6.25 -17.46 -23.18
CA THR B 73 6.10 -18.28 -24.38
C THR B 73 4.72 -18.91 -24.34
N GLU B 74 4.35 -19.62 -25.40
CA GLU B 74 3.08 -20.33 -25.41
C GLU B 74 3.12 -21.52 -24.44
N LYS B 75 4.31 -22.09 -24.30
CA LYS B 75 4.52 -23.35 -23.57
C LYS B 75 4.74 -23.19 -22.07
N ASP B 76 5.62 -22.26 -21.70
CA ASP B 76 5.99 -22.09 -20.30
C ASP B 76 4.81 -21.67 -19.45
N GLU B 77 4.69 -22.29 -18.28
CA GLU B 77 3.65 -21.96 -17.31
C GLU B 77 4.28 -21.25 -16.14
N TYR B 78 3.58 -20.24 -15.62
CA TYR B 78 4.10 -19.45 -14.52
C TYR B 78 3.10 -19.39 -13.39
N ALA B 79 3.61 -19.19 -12.19
CA ALA B 79 2.74 -19.25 -11.02
C ALA B 79 3.32 -18.47 -9.85
N CYS B 80 2.48 -18.17 -8.87
CA CYS B 80 2.96 -17.60 -7.62
C CYS B 80 2.59 -18.56 -6.48
N ARG B 81 3.56 -18.88 -5.63
CA ARG B 81 3.32 -19.73 -4.47
C ARG B 81 3.48 -18.96 -3.16
N VAL B 82 2.42 -18.95 -2.35
CA VAL B 82 2.37 -18.14 -1.13
C VAL B 82 2.12 -18.99 0.10
N ASN B 83 2.87 -18.74 1.17
CA ASN B 83 2.54 -19.29 2.48
C ASN B 83 2.44 -18.17 3.52
N HIS B 84 1.58 -18.38 4.51
CA HIS B 84 1.30 -17.37 5.53
C HIS B 84 0.79 -18.17 6.72
N VAL B 85 0.86 -17.59 7.91
CA VAL B 85 0.41 -18.31 9.10
C VAL B 85 -1.06 -18.76 8.96
N THR B 86 -1.85 -18.03 8.17
CA THR B 86 -3.26 -18.38 8.00
C THR B 86 -3.51 -19.59 7.08
N LEU B 87 -2.51 -19.98 6.31
CA LEU B 87 -2.65 -21.05 5.33
C LEU B 87 -2.09 -22.38 5.85
N SER B 88 -2.85 -23.46 5.69
CA SER B 88 -2.42 -24.77 6.18
C SER B 88 -1.30 -25.29 5.30
N GLN B 89 -1.37 -24.96 4.02
CA GLN B 89 -0.31 -25.32 3.08
C GLN B 89 -0.19 -24.21 2.05
N PRO B 90 0.91 -24.19 1.30
CA PRO B 90 1.12 -23.10 0.34
C PRO B 90 0.00 -23.05 -0.69
N LYS B 91 -0.44 -21.84 -1.03
CA LYS B 91 -1.45 -21.65 -2.06
C LYS B 91 -0.74 -21.30 -3.37
N ILE B 92 -1.14 -21.98 -4.45
CA ILE B 92 -0.57 -21.73 -5.77
C ILE B 92 -1.61 -21.03 -6.64
N VAL B 93 -1.25 -19.88 -7.18
CA VAL B 93 -2.11 -19.18 -8.13
C VAL B 93 -1.38 -19.13 -9.46
N LYS B 94 -2.04 -19.60 -10.51
CA LYS B 94 -1.42 -19.65 -11.84
C LYS B 94 -1.52 -18.31 -12.54
N TRP B 95 -0.52 -18.01 -13.38
CA TRP B 95 -0.58 -16.84 -14.24
C TRP B 95 -1.49 -17.10 -15.41
N ASP B 96 -2.53 -16.29 -15.54
CA ASP B 96 -3.41 -16.31 -16.70
C ASP B 96 -3.29 -14.94 -17.36
N ARG B 97 -2.91 -14.92 -18.63
CA ARG B 97 -2.65 -13.66 -19.32
C ARG B 97 -3.89 -12.77 -19.42
N ASP B 98 -5.06 -13.38 -19.25
CA ASP B 98 -6.33 -12.65 -19.38
C ASP B 98 -6.91 -12.21 -18.03
N MET B 99 -6.07 -12.16 -17.01
CA MET B 99 -6.54 -11.85 -15.64
C MET B 99 -5.59 -10.95 -14.87
N LEU C 1 9.64 14.81 4.83
CA LEU C 1 10.36 14.65 6.09
C LEU C 1 9.47 14.04 7.18
N PRO C 2 9.99 13.03 7.90
CA PRO C 2 9.17 12.42 8.94
C PRO C 2 9.09 13.30 10.19
N GLU C 3 8.26 12.94 11.16
CA GLU C 3 8.18 13.73 12.39
C GLU C 3 9.53 13.79 13.10
N PRO C 4 10.04 15.01 13.35
CA PRO C 4 11.34 15.16 14.03
C PRO C 4 11.30 14.72 15.51
N LEU C 5 12.44 14.42 16.10
CA LEU C 5 12.49 14.09 17.51
C LEU C 5 12.16 15.34 18.33
N PRO C 6 11.44 15.17 19.45
CA PRO C 6 11.16 16.34 20.29
C PRO C 6 12.43 16.78 21.04
N GLN C 7 12.40 17.95 21.67
CA GLN C 7 13.61 18.46 22.31
C GLN C 7 13.98 17.63 23.53
N GLY C 8 12.97 17.08 24.21
CA GLY C 8 13.19 16.20 25.35
C GLY C 8 13.27 14.72 24.98
N GLN C 9 12.58 13.87 25.72
CA GLN C 9 12.59 12.43 25.48
C GLN C 9 11.41 12.00 24.58
N LEU C 10 11.69 11.29 23.50
CA LEU C 10 10.61 10.74 22.68
C LEU C 10 9.70 9.86 23.55
N THR C 11 8.40 10.12 23.54
CA THR C 11 7.48 9.41 24.43
C THR C 11 7.07 8.05 23.87
N ALA C 12 7.32 6.99 24.62
CA ALA C 12 6.90 5.65 24.24
C ALA C 12 5.38 5.52 24.40
N TYR C 13 4.80 4.45 23.84
CA TYR C 13 3.39 4.13 24.05
C TYR C 13 3.23 3.68 25.51
C ACT D . -1.71 -11.77 17.84
O ACT D . -1.93 -11.33 19.00
OXT ACT D . -0.50 -11.85 17.52
CH3 ACT D . -2.82 -12.15 16.91
#